data_8JAF
#
_entry.id   8JAF
#
loop_
_entity.id
_entity.type
_entity.pdbx_description
1 polymer Beta-arrestin-1
2 polymer 'Fab30 heavy chain'
3 polymer 'Fab30 light chain'
4 polymer 'Muscarinic acetylcholine receptor M2'
#
loop_
_entity_poly.entity_id
_entity_poly.type
_entity_poly.pdbx_seq_one_letter_code
_entity_poly.pdbx_strand_id
1 'polypeptide(L)'
;GTRVFKKASPNGKLTVYLGKRDFVDHIDLVEPVDGVVLVDPEYLKERRVYVTLTCAFRYGREDLDVLGLTFRKDLFVANV
QSFPPAPEDKKPLTRLQERLIKKLGEHAYPFTFEIPPNLPCSVTLQPGPEDTGKACGVDYEVKAFCAENLEEKIHKRNSV
RLVIRKVQYAPERPGPQPTAETTRQFLMSDKPLHLEASLDKEIYYHGEPISVNVHVTNNTNKTVKKIKISVRQYADICLF
NTAQYKCPVAMEEADDTVAPSSTFCKVYTLTPFLANNREKRGLALDGKLKHEDTNLASSTLLREGANREILGIIVSYKVK
VKLVVSRGGLLGDLASSDVAVELPFTLMHPKPKEEPPH
;
A
2 'polypeptide(L)'
;VQLVESGGGLVQPGGSLRLSCAASGFNVYSSSIHWVRQAPGKGLEWVASISSYYGYTYYADSVKGRFTISADTSKNTAYL
QMNSLRAEDTAVYYCARSRQFWYSGLDYWGQGTLVTV
;
H
3 'polypeptide(L)'
;DIQMTQSPSSLSASVGDRVTITCRASQSVSSAVAWYQQKPGKAPKLLIYSASSLYSGVPSRFSGSRSGTDFTLTISSLQP
EDFATYYCQQYKYVPVTFGQGTKVEI
;
L
4 'polypeptide(L)' (TPO)V(SEP)(TPO)(SEP)LG V
#
# COMPACT_ATOMS: atom_id res chain seq x y z
N GLY A 1 -11.62 -17.51 -7.27
CA GLY A 1 -11.67 -17.02 -8.66
C GLY A 1 -10.58 -15.99 -8.90
N THR A 2 -10.95 -14.82 -9.46
CA THR A 2 -9.97 -13.72 -9.68
C THR A 2 -10.70 -12.48 -10.21
N ARG A 3 -10.04 -11.32 -10.19
CA ARG A 3 -10.67 -10.11 -10.69
C ARG A 3 -9.78 -9.45 -11.74
N VAL A 4 -10.41 -8.80 -12.73
CA VAL A 4 -9.72 -8.22 -13.87
C VAL A 4 -10.29 -6.84 -14.15
N PHE A 5 -9.67 -6.13 -15.08
CA PHE A 5 -10.12 -4.82 -15.50
C PHE A 5 -10.68 -4.86 -16.92
N LYS A 6 -11.76 -4.09 -17.14
CA LYS A 6 -12.61 -4.27 -18.31
C LYS A 6 -13.06 -2.94 -18.91
N LYS A 7 -12.14 -1.98 -19.05
CA LYS A 7 -12.50 -0.71 -19.66
C LYS A 7 -12.93 -0.89 -21.13
N ALA A 8 -14.00 -0.20 -21.52
CA ALA A 8 -14.51 -0.19 -22.88
C ALA A 8 -14.53 1.22 -23.46
N SER A 9 -14.79 1.31 -24.77
CA SER A 9 -14.66 2.55 -25.52
C SER A 9 -15.85 3.49 -25.30
N PRO A 10 -15.74 4.76 -25.70
CA PRO A 10 -16.83 5.71 -25.45
C PRO A 10 -18.12 5.41 -26.17
N ASN A 11 -18.08 4.57 -27.20
CA ASN A 11 -19.26 4.35 -28.03
C ASN A 11 -19.60 2.87 -28.17
N GLY A 12 -19.13 2.03 -27.25
CA GLY A 12 -19.45 0.62 -27.24
C GLY A 12 -18.79 -0.20 -28.32
N LYS A 13 -18.04 0.43 -29.23
CA LYS A 13 -17.49 -0.25 -30.39
C LYS A 13 -16.12 -0.89 -30.14
N LEU A 14 -15.61 -0.85 -28.91
CA LEU A 14 -14.37 -1.55 -28.60
C LEU A 14 -14.25 -1.71 -27.10
N THR A 15 -13.52 -2.73 -26.68
CA THR A 15 -13.31 -2.96 -25.25
C THR A 15 -11.95 -3.61 -25.02
N VAL A 16 -11.27 -3.17 -23.96
CA VAL A 16 -9.98 -3.72 -23.56
C VAL A 16 -10.14 -4.43 -22.23
N TYR A 17 -9.55 -5.64 -22.13
CA TYR A 17 -9.48 -6.39 -20.89
C TYR A 17 -8.03 -6.50 -20.45
N LEU A 18 -7.77 -6.25 -19.16
CA LEU A 18 -6.47 -6.48 -18.55
C LEU A 18 -6.64 -7.34 -17.31
N GLY A 19 -5.74 -8.32 -17.15
CA GLY A 19 -5.73 -9.10 -15.92
C GLY A 19 -5.32 -8.29 -14.70
N LYS A 20 -4.39 -7.35 -14.88
CA LYS A 20 -3.91 -6.53 -13.78
C LYS A 20 -3.19 -5.33 -14.35
N ARG A 21 -2.84 -4.40 -13.46
CA ARG A 21 -2.32 -3.11 -13.86
C ARG A 21 -0.81 -3.03 -13.69
N ASP A 22 -0.20 -3.96 -12.95
CA ASP A 22 1.23 -3.95 -12.65
C ASP A 22 1.92 -5.16 -13.24
N PHE A 23 3.10 -4.96 -13.80
CA PHE A 23 3.92 -6.03 -14.35
C PHE A 23 5.32 -5.92 -13.77
N VAL A 24 5.96 -7.06 -13.53
CA VAL A 24 7.15 -7.10 -12.68
C VAL A 24 8.36 -7.54 -13.48
N ASP A 25 9.53 -7.06 -13.03
CA ASP A 25 10.78 -7.45 -13.69
C ASP A 25 11.57 -8.37 -12.77
N HIS A 26 11.91 -9.55 -13.25
CA HIS A 26 12.77 -10.45 -12.45
C HIS A 26 14.20 -10.14 -12.88
N ILE A 27 14.48 -8.85 -13.11
CA ILE A 27 15.85 -8.37 -13.46
C ILE A 27 16.24 -8.73 -14.90
N ASP A 28 16.42 -10.02 -15.22
CA ASP A 28 16.96 -10.41 -16.55
C ASP A 28 15.80 -10.56 -17.53
N LEU A 29 14.57 -10.46 -17.03
CA LEU A 29 13.37 -10.60 -17.90
C LEU A 29 12.31 -9.57 -17.53
N VAL A 30 11.18 -9.56 -18.24
CA VAL A 30 10.05 -8.67 -17.98
C VAL A 30 8.75 -9.38 -18.32
N GLU A 31 7.72 -9.13 -17.53
CA GLU A 31 6.41 -9.73 -17.78
C GLU A 31 5.80 -9.16 -19.05
N PRO A 32 5.08 -9.97 -19.83
CA PRO A 32 4.36 -9.44 -21.00
C PRO A 32 3.10 -8.69 -20.58
N VAL A 33 2.91 -7.50 -21.14
CA VAL A 33 1.65 -6.78 -21.01
C VAL A 33 0.65 -7.44 -21.96
N ASP A 34 -0.24 -8.26 -21.42
CA ASP A 34 -1.08 -9.14 -22.23
C ASP A 34 -2.55 -8.95 -21.89
N GLY A 35 -3.37 -8.81 -22.93
CA GLY A 35 -4.80 -8.60 -22.80
C GLY A 35 -5.51 -9.07 -24.06
N VAL A 36 -6.83 -8.95 -24.06
CA VAL A 36 -7.64 -9.21 -25.25
C VAL A 36 -8.54 -8.01 -25.50
N VAL A 37 -8.95 -7.84 -26.76
CA VAL A 37 -9.91 -6.82 -27.17
C VAL A 37 -11.10 -7.51 -27.85
N LEU A 38 -12.30 -7.17 -27.40
CA LEU A 38 -13.52 -7.55 -28.10
C LEU A 38 -13.72 -6.63 -29.30
N VAL A 39 -14.10 -7.22 -30.43
CA VAL A 39 -14.27 -6.45 -31.66
C VAL A 39 -15.68 -6.64 -32.20
N ASP A 40 -16.15 -5.61 -32.92
CA ASP A 40 -17.47 -5.61 -33.55
C ASP A 40 -17.30 -5.59 -35.07
N PRO A 41 -17.44 -6.73 -35.75
CA PRO A 41 -17.35 -6.72 -37.22
C PRO A 41 -18.43 -5.89 -37.88
N GLU A 42 -19.57 -5.67 -37.22
CA GLU A 42 -20.69 -4.99 -37.87
C GLU A 42 -20.53 -3.49 -37.91
N TYR A 43 -19.83 -2.92 -36.95
CA TYR A 43 -19.38 -1.54 -37.07
C TYR A 43 -18.15 -1.45 -37.95
N LEU A 44 -17.27 -2.44 -37.86
CA LEU A 44 -15.91 -2.34 -38.39
C LEU A 44 -15.94 -2.49 -39.90
N LYS A 45 -16.43 -1.43 -40.56
CA LYS A 45 -16.24 -1.35 -42.00
C LYS A 45 -14.79 -1.04 -42.35
N GLU A 46 -14.08 -0.34 -41.46
CA GLU A 46 -12.69 0.01 -41.69
C GLU A 46 -11.82 -1.22 -41.89
N ARG A 47 -12.28 -2.38 -41.38
CA ARG A 47 -11.68 -3.67 -41.66
C ARG A 47 -10.37 -3.95 -40.91
N ARG A 48 -9.98 -3.11 -39.96
CA ARG A 48 -8.77 -3.38 -39.19
C ARG A 48 -8.87 -2.84 -37.78
N VAL A 49 -8.37 -3.61 -36.82
CA VAL A 49 -8.40 -3.29 -35.40
C VAL A 49 -7.00 -3.54 -34.84
N TYR A 50 -6.47 -2.58 -34.08
CA TYR A 50 -5.11 -2.73 -33.57
C TYR A 50 -5.01 -2.19 -32.14
N VAL A 51 -4.00 -2.69 -31.42
CA VAL A 51 -3.75 -2.32 -30.03
C VAL A 51 -2.31 -1.81 -29.91
N THR A 52 -2.13 -0.77 -29.10
CA THR A 52 -0.84 -0.14 -28.89
C THR A 52 -0.39 -0.26 -27.43
N LEU A 53 0.89 -0.55 -27.23
CA LEU A 53 1.56 -0.34 -25.96
C LEU A 53 2.63 0.75 -26.12
N THR A 54 2.64 1.68 -25.19
CA THR A 54 3.49 2.86 -25.27
C THR A 54 4.10 3.13 -23.91
N CYS A 55 5.42 3.12 -23.84
CA CYS A 55 6.14 3.57 -22.65
C CYS A 55 6.41 5.06 -22.83
N ALA A 56 5.49 5.88 -22.36
CA ALA A 56 5.63 7.31 -22.54
C ALA A 56 6.47 7.90 -21.42
N PHE A 57 6.69 9.20 -21.52
CA PHE A 57 7.37 9.98 -20.50
C PHE A 57 6.79 11.38 -20.57
N ARG A 58 6.77 12.06 -19.43
CA ARG A 58 6.20 13.39 -19.40
C ARG A 58 7.02 14.25 -18.45
N TYR A 59 7.27 15.48 -18.84
CA TYR A 59 8.28 16.27 -18.18
C TYR A 59 7.94 17.75 -18.23
N LEU A 69 6.04 25.40 -20.26
CA LEU A 69 5.65 24.37 -21.21
C LEU A 69 6.19 23.04 -20.71
N THR A 70 5.87 21.97 -21.43
CA THR A 70 6.28 20.62 -21.04
C THR A 70 6.63 19.81 -22.28
N PHE A 71 7.35 18.72 -22.06
CA PHE A 71 7.66 17.75 -23.11
C PHE A 71 6.89 16.46 -22.85
N ARG A 72 6.25 15.95 -23.89
CA ARG A 72 5.76 14.57 -23.92
C ARG A 72 6.60 13.78 -24.92
N LYS A 73 7.33 12.81 -24.40
CA LYS A 73 8.20 11.93 -25.17
C LYS A 73 7.53 10.56 -25.30
N ASP A 74 8.14 9.71 -26.11
CA ASP A 74 7.90 8.29 -26.06
C ASP A 74 9.24 7.59 -25.98
N LEU A 75 9.33 6.60 -25.10
CA LEU A 75 10.52 5.78 -24.96
C LEU A 75 10.37 4.40 -25.58
N PHE A 76 9.15 3.99 -25.88
CA PHE A 76 8.87 2.68 -26.44
C PHE A 76 7.45 2.68 -26.99
N VAL A 77 7.28 2.14 -28.20
CA VAL A 77 5.98 2.05 -28.85
C VAL A 77 5.89 0.70 -29.53
N ALA A 78 4.76 0.02 -29.35
CA ALA A 78 4.60 -1.34 -29.86
C ALA A 78 3.16 -1.55 -30.28
N ASN A 79 2.96 -2.37 -31.32
CA ASN A 79 1.67 -2.51 -31.96
C ASN A 79 1.47 -3.97 -32.34
N VAL A 80 0.21 -4.40 -32.42
CA VAL A 80 -0.11 -5.79 -32.69
C VAL A 80 -1.43 -5.89 -33.44
N GLN A 81 -1.51 -6.86 -34.37
CA GLN A 81 -2.72 -7.12 -35.14
C GLN A 81 -3.72 -7.89 -34.30
N PHE A 83 -7.46 -7.77 -35.18
CA PHE A 83 -8.49 -8.28 -36.06
C PHE A 83 -8.32 -7.70 -37.46
N PRO A 84 -8.44 -8.50 -38.52
CA PRO A 84 -8.65 -9.96 -38.51
C PRO A 84 -7.45 -10.71 -37.93
N PRO A 85 -7.66 -11.92 -37.41
CA PRO A 85 -6.58 -12.59 -36.67
C PRO A 85 -5.32 -12.73 -37.51
N ALA A 86 -4.19 -12.59 -36.85
CA ALA A 86 -2.92 -12.73 -37.54
C ALA A 86 -2.80 -14.13 -38.12
N PRO A 87 -2.33 -14.28 -39.37
CA PRO A 87 -2.31 -15.62 -39.98
C PRO A 87 -1.37 -16.61 -39.30
N GLU A 88 -0.32 -16.14 -38.60
CA GLU A 88 0.65 -17.06 -38.03
C GLU A 88 1.04 -16.77 -36.58
N ASP A 89 0.89 -15.54 -36.08
CA ASP A 89 1.41 -15.19 -34.76
C ASP A 89 0.49 -15.64 -33.63
N LYS A 90 0.25 -16.94 -33.53
CA LYS A 90 -0.57 -17.49 -32.46
C LYS A 90 0.24 -17.88 -31.23
N LYS A 91 1.56 -17.86 -31.30
CA LYS A 91 2.37 -18.44 -30.22
C LYS A 91 2.23 -17.73 -28.89
N PRO A 92 2.38 -16.41 -28.77
CA PRO A 92 2.53 -15.77 -27.46
C PRO A 92 1.25 -15.63 -26.65
N LEU A 93 0.17 -16.32 -27.02
CA LEU A 93 -1.05 -16.30 -26.21
C LEU A 93 -0.75 -16.76 -24.79
N THR A 94 -1.02 -15.89 -23.82
CA THR A 94 -0.70 -16.17 -22.43
C THR A 94 -1.85 -16.87 -21.71
N ARG A 95 -1.52 -17.51 -20.59
CA ARG A 95 -2.52 -18.24 -19.82
C ARG A 95 -3.67 -17.34 -19.39
N LEU A 96 -3.37 -16.07 -19.12
CA LEU A 96 -4.42 -15.13 -18.72
C LEU A 96 -5.41 -14.89 -19.85
N GLN A 97 -4.90 -14.65 -21.06
CA GLN A 97 -5.76 -14.27 -22.17
C GLN A 97 -6.75 -15.38 -22.52
N GLU A 98 -6.29 -16.63 -22.52
CA GLU A 98 -7.15 -17.70 -22.98
C GLU A 98 -8.42 -17.80 -22.16
N ARG A 99 -8.36 -17.39 -20.89
CA ARG A 99 -9.57 -17.50 -20.09
C ARG A 99 -10.58 -16.40 -20.39
N LEU A 100 -10.13 -15.19 -20.75
CA LEU A 100 -11.09 -14.24 -21.30
C LEU A 100 -11.66 -14.72 -22.63
N ILE A 101 -10.81 -15.32 -23.46
CA ILE A 101 -11.29 -15.87 -24.73
C ILE A 101 -12.41 -16.87 -24.46
N LYS A 102 -12.20 -17.76 -23.48
CA LYS A 102 -13.24 -18.68 -23.06
C LYS A 102 -14.47 -17.93 -22.55
N LYS A 103 -14.22 -16.84 -21.83
CA LYS A 103 -15.36 -16.14 -21.16
C LYS A 103 -16.23 -15.39 -22.17
N LEU A 104 -15.67 -14.97 -23.30
CA LEU A 104 -16.42 -14.26 -24.33
C LEU A 104 -16.83 -15.17 -25.48
N HIS A 107 -15.37 -13.41 -30.53
CA HIS A 107 -15.25 -12.03 -31.02
C HIS A 107 -14.20 -11.20 -30.31
N ALA A 108 -13.35 -11.80 -29.48
CA ALA A 108 -12.25 -11.10 -28.83
C ALA A 108 -10.93 -11.76 -29.17
N TYR A 109 -9.88 -10.95 -29.28
CA TYR A 109 -8.60 -11.44 -29.78
C TYR A 109 -7.44 -10.85 -28.98
N PRO A 110 -6.33 -11.57 -28.88
CA PRO A 110 -5.24 -11.16 -27.98
C PRO A 110 -4.52 -9.90 -28.44
N PHE A 111 -3.93 -9.21 -27.45
CA PHE A 111 -2.88 -8.24 -27.71
C PHE A 111 -1.83 -8.42 -26.61
N THR A 112 -0.56 -8.38 -27.00
CA THR A 112 0.54 -8.73 -26.09
C THR A 112 1.75 -7.88 -26.40
N PHE A 113 2.51 -7.54 -25.36
CA PHE A 113 3.69 -6.69 -25.49
C PHE A 113 4.74 -7.12 -24.46
N GLU A 114 5.84 -7.70 -24.93
CA GLU A 114 7.01 -7.98 -24.09
C GLU A 114 7.93 -6.77 -24.13
N ILE A 115 7.84 -5.92 -23.11
CA ILE A 115 8.74 -4.76 -23.06
C ILE A 115 10.16 -5.28 -22.91
N PRO A 116 11.12 -4.80 -23.73
CA PRO A 116 12.46 -5.35 -23.65
C PRO A 116 13.09 -5.08 -22.31
N PRO A 117 13.99 -5.95 -21.85
CA PRO A 117 14.75 -5.64 -20.64
C PRO A 117 15.54 -4.35 -20.82
N ASN A 118 15.95 -3.77 -19.70
CA ASN A 118 16.65 -2.49 -19.69
C ASN A 118 15.74 -1.40 -20.23
N LEU A 119 14.57 -1.26 -19.62
CA LEU A 119 13.68 -0.13 -19.81
C LEU A 119 13.15 0.31 -18.45
N PRO A 120 12.80 1.58 -18.31
CA PRO A 120 12.52 2.13 -16.98
C PRO A 120 11.25 1.52 -16.37
N CYS A 121 11.04 1.86 -15.11
CA CYS A 121 9.94 1.33 -14.32
C CYS A 121 8.86 2.38 -14.13
N SER A 122 7.74 1.94 -13.54
CA SER A 122 6.58 2.81 -13.33
C SER A 122 6.82 3.81 -12.22
N VAL A 123 7.26 5.02 -12.56
CA VAL A 123 7.65 6.04 -11.59
C VAL A 123 6.82 7.30 -11.83
N THR A 124 6.14 7.76 -10.79
CA THR A 124 5.37 9.00 -10.84
C THR A 124 6.14 10.09 -10.12
N LEU A 125 6.81 10.95 -10.87
CA LEU A 125 7.40 12.14 -10.27
C LEU A 125 6.26 13.04 -9.79
N GLN A 126 6.47 13.72 -8.66
CA GLN A 126 5.34 14.31 -7.95
C GLN A 126 4.50 15.21 -8.87
N PRO A 127 3.16 15.17 -8.73
CA PRO A 127 2.36 16.30 -9.19
C PRO A 127 2.41 17.47 -8.22
N GLY A 128 3.45 18.30 -8.34
CA GLY A 128 3.58 19.46 -7.50
C GLY A 128 2.35 20.36 -7.56
N PRO A 129 1.93 20.90 -6.42
CA PRO A 129 0.63 21.60 -6.39
C PRO A 129 0.52 22.74 -7.37
N GLU A 130 1.63 23.38 -7.74
CA GLU A 130 1.59 24.54 -8.62
C GLU A 130 1.20 24.18 -10.05
N ASP A 131 1.17 22.91 -10.42
CA ASP A 131 0.87 22.47 -11.77
C ASP A 131 -0.42 21.66 -11.78
N THR A 132 -1.12 21.71 -12.91
CA THR A 132 -2.42 21.06 -13.05
C THR A 132 -2.50 20.08 -14.21
N GLY A 133 -1.44 19.93 -15.00
CA GLY A 133 -1.47 19.05 -16.14
C GLY A 133 -1.35 17.59 -15.71
N LYS A 134 -1.31 16.72 -16.71
CA LYS A 134 -1.05 15.31 -16.44
C LYS A 134 0.31 15.14 -15.78
N ALA A 135 0.37 14.23 -14.81
CA ALA A 135 1.57 14.07 -14.01
C ALA A 135 2.76 13.65 -14.87
N CYS A 136 3.93 14.04 -14.42
CA CYS A 136 5.20 13.68 -15.05
C CYS A 136 5.42 12.18 -14.99
N GLY A 137 6.53 11.72 -15.54
CA GLY A 137 7.02 10.39 -15.28
C GLY A 137 6.75 9.40 -16.39
N VAL A 138 7.06 8.15 -16.10
CA VAL A 138 7.04 7.08 -17.08
C VAL A 138 5.72 6.33 -16.88
N ASP A 139 4.70 6.79 -17.59
CA ASP A 139 3.40 6.15 -17.56
C ASP A 139 3.25 5.20 -18.74
N TYR A 140 2.73 4.01 -18.47
CA TYR A 140 2.46 3.02 -19.51
C TYR A 140 0.98 3.09 -19.89
N GLU A 141 0.71 3.50 -21.13
CA GLU A 141 -0.65 3.58 -21.65
C GLU A 141 -0.86 2.52 -22.71
N VAL A 142 -1.87 1.68 -22.53
CA VAL A 142 -2.30 0.75 -23.56
C VAL A 142 -3.51 1.35 -24.26
N LYS A 143 -3.48 1.38 -25.59
CA LYS A 143 -4.46 2.15 -26.38
C LYS A 143 -4.99 1.27 -27.50
N ALA A 144 -6.14 0.66 -27.29
CA ALA A 144 -6.80 -0.11 -28.34
C ALA A 144 -7.62 0.82 -29.21
N PHE A 145 -7.63 0.56 -30.52
CA PHE A 145 -8.33 1.43 -31.46
C PHE A 145 -8.79 0.63 -32.66
N CYS A 146 -9.80 1.16 -33.35
CA CYS A 146 -10.14 0.77 -34.70
C CYS A 146 -9.81 1.91 -35.66
N ALA A 147 -9.27 1.56 -36.83
CA ALA A 147 -8.93 2.56 -37.82
C ALA A 147 -8.95 1.93 -39.20
N GLU A 148 -9.07 2.80 -40.21
CA GLU A 148 -8.91 2.39 -41.60
C GLU A 148 -7.47 2.54 -42.06
N ASN A 149 -6.77 3.56 -41.56
CA ASN A 149 -5.38 3.82 -41.93
C ASN A 149 -4.57 4.03 -40.66
N LEU A 150 -3.45 3.30 -40.54
CA LEU A 150 -2.63 3.40 -39.33
C LEU A 150 -1.94 4.75 -39.21
N GLU A 151 -2.03 5.60 -40.24
CA GLU A 151 -1.52 6.96 -40.18
C GLU A 151 -2.58 8.00 -39.84
N GLU A 152 -3.83 7.60 -39.60
CA GLU A 152 -4.89 8.58 -39.42
C GLU A 152 -4.73 9.30 -38.08
N LYS A 153 -5.27 10.51 -38.03
CA LYS A 153 -5.20 11.35 -36.84
C LYS A 153 -6.26 10.89 -35.83
N ILE A 154 -5.83 10.01 -34.93
CA ILE A 154 -6.73 9.30 -34.00
C ILE A 154 -7.60 10.30 -33.25
N HIS A 155 -8.92 10.15 -33.40
CA HIS A 155 -9.92 10.99 -32.77
C HIS A 155 -10.43 10.24 -31.52
N LYS A 156 -11.40 10.83 -30.82
CA LYS A 156 -11.97 10.17 -29.65
C LYS A 156 -13.00 9.13 -30.06
N ARG A 157 -12.61 8.14 -30.88
CA ARG A 157 -13.66 7.26 -31.46
C ARG A 157 -13.45 5.73 -31.44
N ASN A 158 -13.83 5.02 -30.36
CA ASN A 158 -13.92 3.54 -30.24
C ASN A 158 -12.56 3.14 -29.64
N SER A 159 -11.61 4.06 -29.70
CA SER A 159 -10.39 3.87 -28.95
C SER A 159 -10.67 3.96 -27.45
N VAL A 160 -9.85 3.26 -26.66
CA VAL A 160 -9.96 3.27 -25.20
C VAL A 160 -8.55 3.26 -24.60
N ARG A 161 -8.24 4.36 -23.90
CA ARG A 161 -6.91 4.50 -23.27
C ARG A 161 -6.93 3.86 -21.88
N LEU A 162 -5.83 3.24 -21.43
CA LEU A 162 -5.76 2.51 -20.18
C LEU A 162 -4.32 2.46 -19.68
N VAL A 163 -4.05 3.07 -18.53
CA VAL A 163 -2.69 3.17 -17.99
C VAL A 163 -2.36 1.92 -17.18
N ILE A 164 -1.12 1.44 -17.30
CA ILE A 164 -0.63 0.30 -16.55
C ILE A 164 0.69 0.70 -15.87
N ARG A 165 1.30 -0.26 -15.18
CA ARG A 165 2.56 -0.05 -14.48
C ARG A 165 3.46 -1.27 -14.61
N LYS A 166 4.76 -1.02 -14.61
CA LYS A 166 5.76 -2.09 -14.61
C LYS A 166 6.77 -1.78 -13.51
N VAL A 167 6.86 -2.67 -12.51
CA VAL A 167 7.44 -2.35 -11.21
C VAL A 167 8.40 -3.45 -10.75
N GLN A 168 9.24 -3.11 -9.77
CA GLN A 168 10.17 -4.04 -9.13
C GLN A 168 10.10 -3.90 -7.61
N TYR A 169 10.19 -5.02 -6.90
CA TYR A 169 10.13 -5.06 -5.44
C TYR A 169 11.18 -6.03 -4.91
N ALA A 170 11.17 -6.23 -3.58
CA ALA A 170 12.24 -6.79 -2.76
C ALA A 170 13.03 -7.93 -3.40
N PRO A 171 14.38 -7.84 -3.45
CA PRO A 171 15.18 -9.00 -3.84
C PRO A 171 15.32 -10.02 -2.73
N GLU A 172 14.65 -11.15 -2.86
CA GLU A 172 14.57 -12.14 -1.81
C GLU A 172 15.95 -12.69 -1.46
N ARG A 173 16.02 -13.39 -0.33
CA ARG A 173 17.23 -14.03 0.17
C ARG A 173 18.23 -13.02 0.70
N PRO A 174 19.18 -13.45 1.53
CA PRO A 174 20.12 -12.53 2.16
C PRO A 174 21.13 -11.97 1.15
N GLY A 175 21.76 -10.86 1.55
CA GLY A 175 22.71 -10.17 0.71
C GLY A 175 23.77 -9.44 1.49
N PRO A 176 24.70 -8.79 0.78
CA PRO A 176 25.80 -8.09 1.44
C PRO A 176 25.33 -6.97 2.36
N GLN A 177 26.10 -6.76 3.45
CA GLN A 177 25.79 -5.77 4.46
C GLN A 177 26.36 -4.40 4.07
N PRO A 178 25.62 -3.30 4.30
CA PRO A 178 26.11 -1.99 3.89
C PRO A 178 27.21 -1.42 4.78
N THR A 179 28.20 -2.24 5.12
CA THR A 179 29.31 -1.77 5.93
C THR A 179 30.13 -0.75 5.17
N ALA A 180 30.67 0.22 5.90
CA ALA A 180 31.48 1.28 5.30
C ALA A 180 32.53 1.75 6.29
N GLU A 181 33.67 2.19 5.76
CA GLU A 181 34.70 2.86 6.54
C GLU A 181 35.14 4.14 5.84
N THR A 182 35.31 5.20 6.63
CA THR A 182 35.94 6.42 6.14
C THR A 182 36.70 7.08 7.28
N THR A 183 37.89 7.59 6.96
CA THR A 183 38.76 8.23 7.93
C THR A 183 39.36 9.48 7.33
N ARG A 184 39.54 10.50 8.16
CA ARG A 184 40.14 11.76 7.73
C ARG A 184 41.30 12.13 8.65
N GLN A 185 42.19 12.98 8.14
CA GLN A 185 43.27 13.59 8.89
C GLN A 185 43.34 15.07 8.53
N LYS A 191 46.38 12.83 13.25
CA LYS A 191 45.81 11.56 13.64
C LYS A 191 44.48 11.32 12.94
N PRO A 192 43.99 10.09 12.96
CA PRO A 192 42.75 9.75 12.23
C PRO A 192 41.49 10.19 12.97
N LEU A 193 40.56 10.78 12.22
CA LEU A 193 39.15 10.88 12.65
C LEU A 193 38.40 9.75 11.95
N HIS A 194 38.28 8.62 12.63
CA HIS A 194 37.86 7.38 12.02
C HIS A 194 36.35 7.24 12.20
N LEU A 195 35.62 7.08 11.10
CA LEU A 195 34.17 6.98 11.10
C LEU A 195 33.75 5.66 10.46
N GLU A 196 32.89 4.92 11.16
CA GLU A 196 32.33 3.67 10.65
C GLU A 196 30.83 3.64 10.86
N ALA A 197 30.11 3.06 9.91
CA ALA A 197 28.67 2.90 10.02
C ALA A 197 28.24 1.67 9.25
N SER A 198 27.12 1.10 9.65
CA SER A 198 26.58 -0.09 9.01
C SER A 198 25.12 -0.25 9.40
N LEU A 199 24.39 -0.97 8.55
CA LEU A 199 23.00 -1.33 8.78
C LEU A 199 22.95 -2.78 9.25
N ASP A 200 21.76 -3.38 9.22
CA ASP A 200 21.60 -4.78 9.59
C ASP A 200 21.09 -5.66 8.46
N LYS A 201 20.54 -5.07 7.39
CA LYS A 201 20.05 -5.85 6.26
C LYS A 201 20.48 -5.17 4.97
N GLU A 202 20.51 -5.95 3.90
CA GLU A 202 20.73 -5.36 2.58
C GLU A 202 19.49 -4.59 2.12
N ILE A 203 18.36 -5.27 2.06
CA ILE A 203 17.09 -4.65 1.69
C ILE A 203 16.44 -4.04 2.93
N TYR A 204 15.68 -2.96 2.70
CA TYR A 204 14.83 -2.37 3.72
C TYR A 204 13.53 -1.94 3.05
N TYR A 205 12.53 -1.67 3.87
CA TYR A 205 11.17 -1.49 3.38
C TYR A 205 10.65 -0.10 3.73
N HIS A 206 9.70 0.36 2.95
CA HIS A 206 9.11 1.68 3.14
C HIS A 206 8.53 1.85 4.54
N GLY A 207 8.84 2.99 5.16
CA GLY A 207 8.22 3.38 6.41
C GLY A 207 8.71 2.66 7.64
N GLU A 208 9.61 1.70 7.49
CA GLU A 208 10.17 1.00 8.63
C GLU A 208 11.42 1.73 9.12
N PRO A 209 11.91 1.35 10.32
CA PRO A 209 13.07 2.04 10.90
C PRO A 209 14.38 1.50 10.38
N ILE A 210 15.21 2.34 9.77
CA ILE A 210 16.52 1.90 9.29
C ILE A 210 17.50 2.02 10.44
N SER A 211 18.00 0.87 10.91
CA SER A 211 18.90 0.81 12.07
C SER A 211 20.29 1.28 11.67
N VAL A 212 20.62 2.51 12.03
CA VAL A 212 21.86 3.17 11.63
C VAL A 212 22.85 3.06 12.78
N ASN A 213 23.90 2.24 12.59
CA ASN A 213 25.00 2.17 13.54
C ASN A 213 26.09 3.17 13.21
N VAL A 214 26.71 3.73 14.26
CA VAL A 214 27.67 4.82 14.11
C VAL A 214 28.78 4.63 15.14
N HIS A 215 29.94 4.17 14.69
CA HIS A 215 31.17 4.13 15.48
C HIS A 215 32.08 5.28 15.05
N VAL A 216 32.59 6.03 16.03
CA VAL A 216 33.49 7.14 15.77
C VAL A 216 34.62 7.13 16.79
N THR A 217 35.85 7.34 16.32
CA THR A 217 37.01 7.56 17.16
C THR A 217 37.64 8.88 16.76
N ASN A 218 37.52 9.90 17.61
CA ASN A 218 38.01 11.24 17.33
C ASN A 218 39.31 11.45 18.10
N ASN A 219 40.42 11.39 17.39
CA ASN A 219 41.72 11.69 17.98
C ASN A 219 42.15 13.13 17.77
N THR A 220 41.27 13.98 17.22
CA THR A 220 41.54 15.39 17.04
C THR A 220 41.17 16.18 18.30
N ASN A 221 41.55 17.47 18.33
CA ASN A 221 41.23 18.31 19.47
C ASN A 221 39.79 18.84 19.45
N LYS A 222 39.20 19.00 18.28
CA LYS A 222 37.91 19.69 18.14
C LYS A 222 36.74 18.73 18.38
N THR A 223 35.65 19.30 18.88
CA THR A 223 34.44 18.54 19.16
C THR A 223 33.63 18.29 17.90
N VAL A 224 33.01 17.12 17.83
CA VAL A 224 31.96 16.87 16.85
C VAL A 224 30.71 17.63 17.30
N LYS A 225 30.37 18.72 16.62
CA LYS A 225 29.28 19.56 17.09
C LYS A 225 27.93 18.86 16.93
N LYS A 226 27.66 18.26 15.77
CA LYS A 226 26.35 17.69 15.51
C LYS A 226 26.47 16.49 14.58
N ILE A 227 25.46 15.62 14.65
CA ILE A 227 25.36 14.42 13.83
C ILE A 227 24.04 14.44 13.08
N LYS A 228 24.09 14.24 11.76
CA LYS A 228 22.90 14.05 10.94
C LYS A 228 22.91 12.67 10.31
N ILE A 229 21.82 11.96 10.45
CA ILE A 229 21.53 10.79 9.63
C ILE A 229 20.39 11.16 8.70
N SER A 230 20.57 10.85 7.41
CA SER A 230 19.53 11.06 6.43
C SER A 230 19.41 9.79 5.60
N VAL A 231 18.26 9.62 4.98
CA VAL A 231 18.05 8.58 3.99
C VAL A 231 17.56 9.27 2.74
N ARG A 232 18.27 9.06 1.65
CA ARG A 232 18.25 9.99 0.54
C ARG A 232 17.82 9.27 -0.72
N GLN A 233 17.06 9.97 -1.55
CA GLN A 233 16.39 9.37 -2.70
C GLN A 233 17.15 9.68 -3.97
N TYR A 234 17.60 8.63 -4.65
CA TYR A 234 18.37 8.76 -5.88
C TYR A 234 17.50 8.27 -7.03
N ALA A 235 17.20 9.16 -7.96
CA ALA A 235 16.39 8.87 -9.15
C ALA A 235 17.09 9.49 -10.35
N ASP A 236 17.61 8.65 -11.24
CA ASP A 236 18.30 9.11 -12.44
C ASP A 236 17.31 9.28 -13.58
N ILE A 237 17.24 10.47 -14.14
CA ILE A 237 16.30 10.81 -15.22
C ILE A 237 17.09 10.91 -16.52
N CYS A 238 16.73 10.06 -17.49
CA CYS A 238 17.36 10.08 -18.81
C CYS A 238 16.28 9.93 -19.89
N LEU A 239 15.73 11.07 -20.36
CA LEU A 239 14.75 11.00 -21.44
C LEU A 239 15.41 11.00 -22.81
N ALA A 243 20.02 13.01 -16.39
CA ALA A 243 20.12 13.79 -15.17
C ALA A 243 19.59 12.93 -14.03
N GLN A 244 19.88 13.35 -12.81
CA GLN A 244 19.49 12.59 -11.63
C GLN A 244 18.98 13.54 -10.54
N TYR A 245 17.98 13.09 -9.80
CA TYR A 245 17.35 13.89 -8.78
C TYR A 245 17.75 13.38 -7.39
N LYS A 246 18.08 14.32 -6.50
CA LYS A 246 18.57 14.03 -5.17
C LYS A 246 17.73 14.76 -4.14
N CYS A 247 17.19 14.03 -3.17
CA CYS A 247 16.44 14.65 -2.07
C CYS A 247 16.40 13.74 -0.85
N PRO A 248 16.52 14.31 0.37
CA PRO A 248 16.44 13.47 1.57
C PRO A 248 15.02 13.14 1.96
N VAL A 249 14.66 11.85 1.99
CA VAL A 249 13.32 11.47 2.39
C VAL A 249 13.13 11.45 3.91
N ALA A 250 14.21 11.38 4.69
CA ALA A 250 14.13 11.31 6.14
C ALA A 250 15.39 11.91 6.73
N MET A 251 15.33 12.32 7.99
CA MET A 251 16.51 12.91 8.62
C MET A 251 16.37 12.90 10.13
N GLU A 252 17.48 12.63 10.82
CA GLU A 252 17.56 12.62 12.28
C GLU A 252 18.78 13.42 12.71
N GLU A 253 18.55 14.63 13.20
CA GLU A 253 19.65 15.54 13.57
C GLU A 253 19.92 15.44 15.08
N ALA A 254 20.46 14.30 15.47
CA ALA A 254 20.78 14.04 16.87
C ALA A 254 21.89 14.96 17.36
N ASP A 255 21.86 15.26 18.66
CA ASP A 255 22.79 16.20 19.28
C ASP A 255 24.06 15.54 19.82
N ASP A 256 24.20 14.23 19.67
CA ASP A 256 25.32 13.53 20.29
C ASP A 256 26.65 14.07 19.79
N THR A 257 27.63 14.15 20.69
CA THR A 257 28.94 14.72 20.41
C THR A 257 30.02 13.67 20.65
N VAL A 258 30.89 13.50 19.66
CA VAL A 258 32.11 12.72 19.83
C VAL A 258 33.16 13.65 20.45
N ALA A 259 33.34 13.56 21.76
CA ALA A 259 34.24 14.46 22.46
C ALA A 259 35.68 14.18 22.05
N PRO A 260 36.54 15.21 22.10
CA PRO A 260 37.93 15.01 21.67
C PRO A 260 38.59 13.87 22.42
N SER A 261 39.37 13.09 21.69
CA SER A 261 40.08 11.93 22.25
C SER A 261 39.11 10.99 22.97
N SER A 262 38.16 10.45 22.20
CA SER A 262 37.17 9.53 22.74
C SER A 262 36.81 8.47 21.72
N THR A 263 36.33 7.34 22.21
CA THR A 263 35.69 6.31 21.39
C THR A 263 34.19 6.35 21.63
N PHE A 264 33.43 6.25 20.55
CA PHE A 264 32.00 6.55 20.58
C PHE A 264 31.26 5.44 19.86
N CYS A 265 30.08 5.08 20.36
CA CYS A 265 29.14 4.27 19.60
C CYS A 265 27.72 4.73 19.90
N LYS A 266 26.89 4.80 18.86
CA LYS A 266 25.46 5.01 19.03
C LYS A 266 24.72 4.35 17.87
N VAL A 267 23.52 3.86 18.17
CA VAL A 267 22.63 3.31 17.16
C VAL A 267 21.48 4.29 16.96
N TYR A 268 21.34 4.80 15.74
CA TYR A 268 20.26 5.69 15.39
C TYR A 268 19.14 4.94 14.69
N THR A 269 18.03 5.64 14.44
CA THR A 269 16.87 5.03 13.79
C THR A 269 16.09 6.11 13.05
N LEU A 270 15.80 5.87 11.76
CA LEU A 270 14.98 6.75 10.95
C LEU A 270 13.93 5.96 10.18
N THR A 271 12.81 6.62 9.89
CA THR A 271 11.73 6.06 9.08
C THR A 271 11.34 7.02 7.97
N PRO A 272 11.61 6.73 6.70
CA PRO A 272 11.14 7.60 5.61
C PRO A 272 9.69 7.30 5.25
N PHE A 273 8.88 8.36 5.19
CA PHE A 273 7.46 8.27 4.85
C PHE A 273 7.09 9.46 3.96
N LEU A 274 6.00 9.30 3.20
CA LEU A 274 5.59 10.36 2.28
C LEU A 274 5.01 11.56 3.00
N ALA A 275 4.46 11.35 4.19
CA ALA A 275 3.56 12.35 4.80
C ALA A 275 4.19 13.74 4.83
N ASN A 276 5.41 13.85 5.33
CA ASN A 276 6.09 15.15 5.30
C ASN A 276 6.58 15.48 3.90
N ASN A 277 6.87 14.48 3.08
CA ASN A 277 7.54 14.67 1.80
C ASN A 277 6.63 15.26 0.72
N ARG A 278 5.33 15.36 0.96
CA ARG A 278 4.42 15.81 -0.10
C ARG A 278 4.78 17.20 -0.62
N GLU A 279 5.34 18.06 0.23
CA GLU A 279 5.61 19.43 -0.17
C GLU A 279 6.88 19.57 -1.01
N LYS A 280 7.76 18.58 -1.00
CA LYS A 280 9.05 18.66 -1.70
C LYS A 280 8.80 18.44 -3.19
N ARG A 281 8.56 19.55 -3.89
CA ARG A 281 8.20 19.50 -5.30
C ARG A 281 9.27 18.82 -6.12
N GLY A 282 8.89 17.71 -6.78
CA GLY A 282 9.78 17.02 -7.68
C GLY A 282 10.29 15.66 -7.22
N LEU A 283 9.88 15.19 -6.04
CA LEU A 283 10.22 13.82 -5.65
C LEU A 283 9.60 12.82 -6.62
N ALA A 284 9.88 11.56 -6.37
CA ALA A 284 9.42 10.48 -7.22
C ALA A 284 8.67 9.47 -6.38
N LEU A 285 7.57 8.98 -6.93
CA LEU A 285 6.68 8.08 -6.24
C LEU A 285 6.41 6.88 -7.13
N ASP A 286 5.99 5.79 -6.52
CA ASP A 286 5.58 4.64 -7.29
C ASP A 286 4.41 5.02 -8.19
N GLY A 287 4.38 4.44 -9.39
CA GLY A 287 3.48 4.88 -10.44
C GLY A 287 2.02 5.01 -10.03
N LYS A 288 1.48 6.24 -10.11
CA LYS A 288 0.07 6.49 -9.88
C LYS A 288 -0.75 6.04 -11.07
N LEU A 289 -1.91 5.43 -10.83
CA LEU A 289 -2.86 5.23 -11.93
C LEU A 289 -3.64 6.49 -12.22
N LYS A 290 -4.35 7.03 -11.22
CA LYS A 290 -5.16 8.22 -11.47
C LYS A 290 -4.66 9.41 -10.66
N HIS A 291 -4.78 9.32 -9.33
CA HIS A 291 -4.14 10.25 -8.41
C HIS A 291 -4.00 9.63 -7.02
N GLU A 292 -4.02 8.31 -6.92
CA GLU A 292 -4.09 7.66 -5.63
C GLU A 292 -2.71 7.59 -4.97
N ASP A 293 -2.71 7.63 -3.64
CA ASP A 293 -1.47 7.68 -2.89
C ASP A 293 -0.67 6.41 -3.08
N THR A 294 0.65 6.56 -3.18
CA THR A 294 1.57 5.44 -3.31
C THR A 294 2.80 5.71 -2.46
N ASN A 295 3.56 4.65 -2.20
CA ASN A 295 4.81 4.79 -1.47
C ASN A 295 5.83 5.54 -2.31
N LEU A 296 6.87 6.01 -1.63
CA LEU A 296 8.02 6.55 -2.36
C LEU A 296 8.57 5.47 -3.28
N ALA A 297 9.25 5.89 -4.34
CA ALA A 297 9.56 4.98 -5.43
C ALA A 297 10.43 3.82 -4.94
N SER A 298 9.93 2.59 -5.14
CA SER A 298 10.77 1.43 -4.90
C SER A 298 11.97 1.46 -5.82
N SER A 299 13.12 1.04 -5.28
CA SER A 299 14.37 1.12 -6.01
C SER A 299 14.33 0.26 -7.28
N THR A 300 15.07 0.69 -8.28
CA THR A 300 15.27 -0.10 -9.49
C THR A 300 16.45 -1.04 -9.29
N LEU A 301 16.22 -2.34 -9.50
CA LEU A 301 17.28 -3.34 -9.49
C LEU A 301 17.85 -3.45 -10.90
N ILE A 310 20.06 3.01 -18.97
CA ILE A 310 18.65 2.80 -19.28
C ILE A 310 17.95 4.15 -19.30
N LEU A 311 17.09 4.35 -20.29
CA LEU A 311 16.30 5.56 -20.38
C LEU A 311 15.27 5.62 -19.26
N GLY A 312 14.71 6.80 -19.06
CA GLY A 312 13.69 7.00 -18.06
C GLY A 312 14.21 7.28 -16.66
N ILE A 313 13.58 6.67 -15.67
CA ILE A 313 13.87 6.93 -14.27
C ILE A 313 14.41 5.64 -13.65
N ILE A 314 15.63 5.70 -13.12
CA ILE A 314 16.24 4.59 -12.39
C ILE A 314 16.52 5.09 -10.99
N VAL A 315 15.95 4.42 -10.00
CA VAL A 315 15.82 4.99 -8.66
C VAL A 315 16.40 4.04 -7.64
N SER A 316 17.21 4.59 -6.73
CA SER A 316 17.89 3.83 -5.69
C SER A 316 18.09 4.75 -4.50
N TYR A 317 18.48 4.16 -3.37
CA TYR A 317 18.57 4.90 -2.11
C TYR A 317 19.86 4.56 -1.37
N LYS A 318 20.24 5.46 -0.47
CA LYS A 318 21.38 5.28 0.40
C LYS A 318 21.07 5.87 1.77
N VAL A 319 21.62 5.27 2.82
CA VAL A 319 21.61 5.88 4.15
C VAL A 319 22.91 6.64 4.32
N LYS A 320 22.81 7.89 4.78
CA LYS A 320 23.95 8.79 4.90
C LYS A 320 24.17 9.16 6.35
N VAL A 321 25.40 8.96 6.83
CA VAL A 321 25.82 9.31 8.18
C VAL A 321 26.83 10.44 8.05
N LYS A 322 26.54 11.57 8.68
CA LYS A 322 27.38 12.76 8.60
C LYS A 322 27.79 13.17 10.01
N LEU A 323 29.03 13.63 10.15
CA LEU A 323 29.51 14.26 11.38
C LEU A 323 29.84 15.72 11.10
N VAL A 324 29.39 16.62 11.98
CA VAL A 324 29.72 18.03 11.91
C VAL A 324 30.69 18.35 13.04
N VAL A 325 31.84 18.92 12.69
CA VAL A 325 32.87 19.29 13.66
C VAL A 325 32.89 20.81 13.79
N SER A 326 33.16 21.28 15.00
CA SER A 326 33.25 22.72 15.25
C SER A 326 34.22 23.39 14.28
N SER A 337 33.98 21.81 7.50
CA SER A 337 34.41 20.94 8.58
C SER A 337 33.35 19.88 8.83
N ASP A 338 32.88 19.28 7.75
CA ASP A 338 32.01 18.11 7.82
C ASP A 338 32.80 16.84 7.52
N VAL A 339 32.23 15.71 7.94
CA VAL A 339 32.72 14.38 7.57
C VAL A 339 31.50 13.49 7.41
N ALA A 340 31.60 12.50 6.52
CA ALA A 340 30.44 11.68 6.23
C ALA A 340 30.84 10.33 5.65
N VAL A 341 29.89 9.41 5.71
CA VAL A 341 29.95 8.12 5.02
C VAL A 341 28.56 7.79 4.52
N GLU A 342 28.50 7.04 3.42
CA GLU A 342 27.27 6.90 2.63
C GLU A 342 27.15 5.45 2.20
N LEU A 343 26.05 4.81 2.58
CA LEU A 343 25.96 3.36 2.51
C LEU A 343 24.92 2.93 1.47
N PRO A 344 25.14 1.82 0.75
CA PRO A 344 24.16 1.38 -0.25
C PRO A 344 22.88 0.82 0.35
N PHE A 345 21.79 1.58 0.25
CA PHE A 345 20.54 1.31 0.93
C PHE A 345 19.46 1.01 -0.11
N THR A 346 18.88 -0.19 -0.05
CA THR A 346 17.87 -0.65 -1.01
C THR A 346 16.48 -0.40 -0.44
N LEU A 347 15.95 0.81 -0.70
CA LEU A 347 14.59 1.13 -0.27
C LEU A 347 13.60 0.50 -1.23
N MET A 348 12.73 -0.36 -0.72
CA MET A 348 11.93 -1.20 -1.57
C MET A 348 10.66 -1.57 -0.81
N HIS A 349 9.91 -2.52 -1.35
CA HIS A 349 8.71 -3.07 -0.78
C HIS A 349 8.81 -4.58 -0.91
N PRO A 350 8.36 -5.35 0.08
CA PRO A 350 8.36 -6.81 -0.11
C PRO A 350 7.59 -7.19 -1.36
N LYS A 351 8.04 -8.25 -2.02
CA LYS A 351 7.26 -8.87 -3.06
C LYS A 351 5.87 -9.16 -2.54
N PRO A 352 4.85 -8.37 -2.89
CA PRO A 352 3.53 -8.60 -2.29
C PRO A 352 2.90 -9.85 -2.88
N LYS A 353 2.56 -10.80 -2.01
CA LYS A 353 2.02 -12.08 -2.46
C LYS A 353 0.51 -12.04 -2.68
N GLU A 354 -0.20 -11.14 -2.00
CA GLU A 354 -1.65 -11.13 -2.04
C GLU A 354 -2.19 -10.39 -3.26
N GLU A 355 -1.74 -9.17 -3.49
CA GLU A 355 -2.25 -8.36 -4.58
C GLU A 355 -1.37 -7.12 -4.73
N PRO A 356 -1.55 -6.38 -5.80
CA PRO A 356 -0.86 -5.09 -5.94
C PRO A 356 -1.46 -4.06 -5.02
N PRO A 357 -0.92 -2.84 -5.01
CA PRO A 357 -1.44 -1.80 -4.12
C PRO A 357 -2.95 -1.61 -4.19
N HIS A 358 -3.45 -1.15 -5.33
CA HIS A 358 -4.86 -0.82 -5.46
C HIS A 358 -5.25 -0.68 -6.92
N VAL B 1 5.28 -9.19 19.44
CA VAL B 1 4.38 -8.14 18.92
C VAL B 1 3.15 -8.03 19.83
N GLN B 2 2.77 -6.81 20.18
CA GLN B 2 1.67 -6.63 21.13
C GLN B 2 1.08 -5.24 20.98
N LEU B 3 -0.16 -5.10 21.44
CA LEU B 3 -0.77 -3.81 21.73
C LEU B 3 -1.37 -3.85 23.13
N VAL B 4 -1.21 -2.77 23.88
CA VAL B 4 -1.85 -2.61 25.18
C VAL B 4 -2.26 -1.16 25.34
N GLU B 5 -3.53 -0.94 25.70
CA GLU B 5 -4.09 0.38 25.89
C GLU B 5 -4.48 0.55 27.35
N SER B 6 -4.57 1.80 27.78
CA SER B 6 -4.95 2.13 29.14
C SER B 6 -5.74 3.44 29.12
N GLY B 7 -6.39 3.72 30.25
CA GLY B 7 -7.10 4.97 30.44
C GLY B 7 -8.59 4.83 30.68
N GLY B 8 -9.15 3.63 30.56
CA GLY B 8 -10.56 3.46 30.83
C GLY B 8 -10.89 3.72 32.28
N GLY B 9 -12.11 4.16 32.53
CA GLY B 9 -12.57 4.40 33.88
C GLY B 9 -13.94 5.05 33.89
N LEU B 10 -14.38 5.43 35.09
CA LEU B 10 -15.65 6.11 35.25
C LEU B 10 -15.48 7.61 35.05
N VAL B 11 -16.47 8.20 34.39
CA VAL B 11 -16.58 9.65 34.26
C VAL B 11 -18.05 10.00 34.15
N GLN B 12 -18.45 11.07 34.82
CA GLN B 12 -19.81 11.50 34.56
C GLN B 12 -19.85 12.22 33.20
N PRO B 13 -21.00 12.22 32.53
CA PRO B 13 -21.06 12.83 31.20
C PRO B 13 -20.62 14.28 31.20
N GLY B 14 -20.11 14.70 30.05
CA GLY B 14 -19.48 16.00 29.91
C GLY B 14 -18.00 16.01 30.17
N GLY B 15 -17.41 14.87 30.54
CA GLY B 15 -16.02 14.79 30.90
C GLY B 15 -15.13 14.56 29.69
N SER B 16 -13.89 14.16 29.98
CA SER B 16 -12.89 13.91 28.97
C SER B 16 -12.07 12.68 29.34
N LEU B 17 -11.46 12.07 28.33
CA LEU B 17 -10.55 10.95 28.53
C LEU B 17 -9.38 11.08 27.57
N ARG B 18 -8.26 10.46 27.95
CA ARG B 18 -7.08 10.32 27.09
C ARG B 18 -6.65 8.86 27.12
N LEU B 19 -7.25 8.04 26.27
CA LEU B 19 -6.79 6.67 26.16
C LEU B 19 -5.48 6.63 25.37
N SER B 20 -4.62 5.68 25.74
CA SER B 20 -3.33 5.50 25.10
C SER B 20 -3.22 4.06 24.63
N CYS B 21 -2.33 3.82 23.67
CA CYS B 21 -2.13 2.49 23.10
C CYS B 21 -0.65 2.28 22.80
N ALA B 22 0.04 1.60 23.71
CA ALA B 22 1.40 1.20 23.45
C ALA B 22 1.42 -0.12 22.68
N ALA B 23 2.48 -0.30 21.89
CA ALA B 23 2.64 -1.52 21.12
C ALA B 23 4.13 -1.81 21.00
N SER B 24 4.42 -3.05 20.67
CA SER B 24 5.80 -3.48 20.45
C SER B 24 5.80 -4.47 19.32
N GLY B 25 6.96 -4.65 18.71
CA GLY B 25 7.11 -5.54 17.57
C GLY B 25 6.76 -4.91 16.24
N PHE B 26 6.15 -3.73 16.23
CA PHE B 26 5.94 -2.99 15.01
C PHE B 26 5.99 -1.49 15.32
N ASN B 27 6.15 -0.71 14.26
CA ASN B 27 6.29 0.74 14.36
C ASN B 27 5.16 1.42 13.63
N VAL B 28 4.80 2.61 14.11
CA VAL B 28 3.59 3.27 13.64
C VAL B 28 3.68 3.59 12.15
N TYR B 29 4.82 4.11 11.70
CA TYR B 29 4.89 4.59 10.32
C TYR B 29 4.83 3.48 9.29
N SER B 30 4.97 2.22 9.70
CA SER B 30 4.75 1.10 8.81
C SER B 30 3.35 0.55 8.91
N SER B 31 2.50 1.20 9.71
CA SER B 31 1.23 0.63 10.14
C SER B 31 0.20 1.73 10.33
N SER B 32 -1.07 1.34 10.32
CA SER B 32 -2.16 2.26 10.59
C SER B 32 -2.85 1.84 11.88
N ILE B 33 -3.05 2.81 12.78
CA ILE B 33 -3.58 2.56 14.12
C ILE B 33 -5.04 2.99 14.16
N HIS B 34 -5.86 2.26 14.92
CA HIS B 34 -7.30 2.42 14.94
C HIS B 34 -7.84 2.35 16.36
N TRP B 35 -9.04 2.87 16.56
CA TRP B 35 -9.83 2.59 17.76
C TRP B 35 -11.22 2.14 17.39
N VAL B 36 -11.75 1.21 18.18
CA VAL B 36 -13.04 0.59 17.97
C VAL B 36 -13.62 0.23 19.32
N ARG B 37 -14.95 0.30 19.43
CA ARG B 37 -15.62 0.17 20.71
C ARG B 37 -16.74 -0.86 20.62
N GLN B 38 -16.89 -1.66 21.65
CA GLN B 38 -17.95 -2.66 21.72
C GLN B 38 -18.87 -2.27 22.88
N ALA B 39 -19.85 -1.41 22.60
CA ALA B 39 -20.71 -0.88 23.64
C ALA B 39 -21.46 -2.03 24.30
N PRO B 40 -21.86 -1.84 25.56
CA PRO B 40 -22.35 -2.98 26.35
C PRO B 40 -23.32 -3.87 25.59
N GLY B 41 -22.91 -5.12 25.34
CA GLY B 41 -23.77 -6.08 24.68
C GLY B 41 -24.01 -5.82 23.21
N LYS B 42 -23.30 -4.88 22.61
CA LYS B 42 -23.49 -4.52 21.22
C LYS B 42 -22.19 -4.77 20.44
N GLY B 43 -22.24 -4.49 19.13
CA GLY B 43 -21.17 -4.87 18.24
C GLY B 43 -20.17 -3.75 17.99
N LEU B 44 -19.13 -4.10 17.25
CA LEU B 44 -18.03 -3.19 17.00
C LEU B 44 -18.50 -1.97 16.22
N GLU B 45 -17.96 -0.81 16.57
CA GLU B 45 -18.21 0.43 15.84
C GLU B 45 -16.88 1.12 15.59
N TRP B 46 -16.52 1.30 14.32
CA TRP B 46 -15.33 2.04 13.98
C TRP B 46 -15.46 3.44 14.57
N VAL B 47 -14.39 3.96 15.16
CA VAL B 47 -14.40 5.29 15.74
C VAL B 47 -13.36 6.19 15.08
N ALA B 48 -12.12 5.73 15.00
CA ALA B 48 -11.07 6.53 14.40
C ALA B 48 -9.99 5.63 13.81
N SER B 49 -9.30 6.15 12.80
CA SER B 49 -8.15 5.49 12.17
C SER B 49 -7.09 6.53 11.88
N ILE B 50 -5.83 6.18 12.13
CA ILE B 50 -4.68 7.02 11.81
C ILE B 50 -3.80 6.24 10.85
N SER B 51 -3.53 6.84 9.69
CA SER B 51 -2.68 6.23 8.66
C SER B 51 -1.34 6.94 8.72
N SER B 52 -0.40 6.33 9.44
CA SER B 52 0.80 7.05 9.87
C SER B 52 1.61 7.54 8.68
N TYR B 53 1.72 6.72 7.62
CA TYR B 53 2.63 7.03 6.53
C TYR B 53 2.26 8.28 5.75
N TYR B 54 1.03 8.76 5.90
CA TYR B 54 0.47 9.74 4.96
C TYR B 54 -0.05 11.00 5.63
N GLY B 55 -0.02 11.10 6.95
CA GLY B 55 -0.61 12.24 7.61
C GLY B 55 -2.12 12.26 7.56
N THR B 57 -5.87 11.23 9.04
CA THR B 57 -6.60 10.91 10.25
C THR B 57 -8.08 10.87 9.93
N TYR B 58 -8.76 9.80 10.34
CA TYR B 58 -10.17 9.63 10.04
C TYR B 58 -10.90 9.12 11.27
N TYR B 59 -12.12 9.63 11.46
CA TYR B 59 -12.94 9.28 12.60
C TYR B 59 -14.40 9.61 12.30
N ALA B 60 -15.29 8.79 12.86
CA ALA B 60 -16.66 8.60 12.36
C ALA B 60 -17.57 9.77 12.70
N ASP B 61 -18.71 9.81 12.01
CA ASP B 61 -19.72 10.83 12.25
C ASP B 61 -20.31 10.71 13.66
N SER B 62 -20.55 9.49 14.15
CA SER B 62 -21.11 9.33 15.48
C SER B 62 -20.15 9.78 16.57
N VAL B 63 -18.93 10.16 16.21
CA VAL B 63 -17.91 10.58 17.17
C VAL B 63 -17.34 11.92 16.74
N LYS B 64 -17.73 12.40 15.56
CA LYS B 64 -17.02 13.49 14.91
C LYS B 64 -17.05 14.75 15.74
N GLY B 65 -15.93 15.49 15.71
CA GLY B 65 -15.74 16.66 16.53
C GLY B 65 -15.55 16.39 18.01
N ARG B 66 -15.84 15.17 18.47
CA ARG B 66 -15.72 14.79 19.87
C ARG B 66 -14.52 13.87 20.14
N PHE B 67 -14.38 12.79 19.38
CA PHE B 67 -13.24 11.89 19.55
C PHE B 67 -12.18 12.18 18.50
N THR B 68 -10.92 12.12 18.91
CA THR B 68 -9.77 12.52 18.12
C THR B 68 -8.65 11.52 18.35
N ILE B 69 -7.99 11.10 17.27
CA ILE B 69 -6.94 10.09 17.34
C ILE B 69 -5.61 10.71 16.96
N SER B 70 -4.55 10.28 17.64
CA SER B 70 -3.19 10.73 17.36
C SER B 70 -2.20 9.64 17.76
N ALA B 71 -0.92 9.92 17.57
CA ALA B 71 0.13 9.00 17.98
C ALA B 71 1.41 9.74 18.31
N ASP B 72 2.15 9.21 19.27
CA ASP B 72 3.51 9.61 19.57
C ASP B 72 4.43 8.52 19.04
N THR B 73 5.29 8.88 18.10
CA THR B 73 6.03 7.88 17.35
C THR B 73 7.22 7.34 18.12
N SER B 74 7.96 8.23 18.79
CA SER B 74 9.21 7.83 19.41
C SER B 74 9.02 6.73 20.44
N LYS B 75 7.80 6.57 20.97
CA LYS B 75 7.50 5.53 21.93
C LYS B 75 6.42 4.58 21.42
N ASN B 76 6.13 4.62 20.11
CA ASN B 76 5.29 3.62 19.46
C ASN B 76 3.92 3.47 20.13
N THR B 77 3.23 4.60 20.27
CA THR B 77 1.95 4.64 20.97
C THR B 77 1.00 5.62 20.29
N ALA B 78 -0.29 5.34 20.41
CA ALA B 78 -1.37 6.17 19.91
C ALA B 78 -2.13 6.82 21.07
N TYR B 79 -3.10 7.68 20.73
CA TYR B 79 -4.01 8.25 21.72
C TYR B 79 -5.41 8.36 21.14
N LEU B 80 -6.40 8.51 22.03
CA LEU B 80 -7.78 8.79 21.65
C LEU B 80 -8.34 9.85 22.60
N GLN B 81 -8.05 11.11 22.31
CA GLN B 81 -8.56 12.20 23.13
C GLN B 81 -10.07 12.33 22.95
N MET B 82 -10.79 12.60 24.04
CA MET B 82 -12.24 12.64 24.05
C MET B 82 -12.73 13.93 24.68
N ASN B 83 -13.65 14.61 24.00
CA ASN B 83 -14.33 15.78 24.54
C ASN B 83 -15.83 15.60 24.45
N SER B 84 -16.54 16.23 25.39
CA SER B 84 -18.00 16.21 25.42
C SER B 84 -18.53 14.77 25.32
N LEU B 85 -17.98 13.91 26.16
CA LEU B 85 -18.48 12.55 26.23
C LEU B 85 -19.96 12.55 26.60
N ARG B 86 -20.66 11.49 26.21
CA ARG B 86 -22.09 11.33 26.46
C ARG B 86 -22.36 9.92 26.94
N ALA B 87 -23.61 9.68 27.33
CA ALA B 87 -23.99 8.41 27.92
C ALA B 87 -23.78 7.25 26.94
N GLU B 88 -24.06 7.46 25.66
CA GLU B 88 -23.99 6.34 24.68
C GLU B 88 -22.52 6.02 24.41
N ASP B 89 -21.64 6.97 24.72
CA ASP B 89 -20.22 6.67 24.56
C ASP B 89 -19.78 5.49 25.41
N THR B 90 -20.59 5.08 26.38
CA THR B 90 -20.20 3.99 27.27
C THR B 90 -19.93 2.73 26.45
N ALA B 91 -18.66 2.37 26.33
CA ALA B 91 -18.26 1.17 25.63
C ALA B 91 -16.86 0.78 26.08
N VAL B 92 -16.53 -0.50 25.89
CA VAL B 92 -15.17 -0.97 26.09
C VAL B 92 -14.38 -0.74 24.81
N TYR B 93 -13.29 0.00 24.93
CA TYR B 93 -12.57 0.54 23.78
C TYR B 93 -11.33 -0.31 23.47
N TYR B 94 -11.02 -0.42 22.18
CA TYR B 94 -9.86 -1.14 21.71
C TYR B 94 -9.01 -0.28 20.79
N CYS B 95 -7.77 -0.72 20.62
CA CYS B 95 -6.79 -0.16 19.69
C CYS B 95 -6.36 -1.21 18.68
N ALA B 96 -6.05 -0.80 17.45
CA ALA B 96 -5.80 -1.75 16.39
C ALA B 96 -4.73 -1.27 15.43
N ARG B 97 -4.02 -2.23 14.83
CA ARG B 97 -2.98 -1.97 13.85
C ARG B 97 -3.27 -2.73 12.56
N SER B 98 -2.87 -2.15 11.44
CA SER B 98 -3.03 -2.75 10.12
C SER B 98 -1.80 -2.47 9.28
N ARG B 99 -1.50 -3.36 8.34
CA ARG B 99 -0.38 -3.15 7.43
C ARG B 99 -0.65 -1.95 6.54
N GLN B 100 0.15 -0.90 6.69
CA GLN B 100 -0.03 0.30 5.86
C GLN B 100 0.21 0.01 4.39
N PHE B 101 1.17 -0.88 4.09
CA PHE B 101 1.50 -1.10 2.67
C PHE B 101 1.45 -2.59 2.37
N TRP B 102 0.25 -3.14 2.27
CA TRP B 102 -0.91 -2.29 2.02
C TRP B 102 -2.07 -2.70 2.91
N TYR B 103 -2.96 -1.73 3.17
CA TYR B 103 -4.01 -1.86 4.17
C TYR B 103 -4.71 -3.19 3.95
N SER B 104 -4.57 -4.11 4.90
CA SER B 104 -5.09 -5.46 4.75
C SER B 104 -5.99 -5.85 5.91
N GLY B 105 -6.72 -4.87 6.45
CA GLY B 105 -7.53 -5.08 7.64
C GLY B 105 -6.72 -4.97 8.92
N LEU B 106 -7.42 -4.91 10.06
CA LEU B 106 -6.78 -4.60 11.35
C LEU B 106 -6.30 -5.89 11.99
N ASP B 107 -4.98 -6.02 12.11
CA ASP B 107 -4.36 -7.30 12.41
C ASP B 107 -4.31 -7.61 13.91
N TYR B 108 -3.79 -6.70 14.71
CA TYR B 108 -3.62 -6.91 16.14
C TYR B 108 -4.42 -5.89 16.94
N TRP B 109 -4.96 -6.36 18.07
CA TRP B 109 -5.82 -5.61 18.97
C TRP B 109 -5.37 -5.76 20.41
N GLY B 110 -5.53 -4.67 21.18
CA GLY B 110 -5.20 -4.68 22.59
C GLY B 110 -6.27 -5.32 23.45
N GLN B 111 -5.90 -5.54 24.71
CA GLN B 111 -6.70 -6.40 25.59
C GLN B 111 -8.06 -5.80 25.95
N GLY B 112 -8.26 -4.50 25.75
CA GLY B 112 -9.55 -3.90 26.03
C GLY B 112 -9.60 -3.12 27.32
N THR B 113 -10.16 -1.92 27.25
CA THR B 113 -10.26 -1.02 28.39
C THR B 113 -11.67 -0.47 28.48
N LEU B 114 -12.21 -0.41 29.69
CA LEU B 114 -13.62 -0.09 29.90
C LEU B 114 -13.81 1.39 30.22
N VAL B 115 -14.71 2.04 29.48
CA VAL B 115 -15.08 3.43 29.70
C VAL B 115 -16.58 3.50 29.91
N THR B 116 -17.00 4.16 30.99
CA THR B 116 -18.41 4.34 31.31
C THR B 116 -18.68 5.81 31.58
N VAL B 117 -19.83 6.29 31.10
CA VAL B 117 -20.15 7.71 31.18
C VAL B 117 -21.48 7.90 31.90
N ASP C 1 -22.48 6.93 4.30
CA ASP C 1 -22.33 5.86 5.29
C ASP C 1 -22.82 4.54 4.73
N ILE C 2 -21.91 3.73 4.22
CA ILE C 2 -22.27 2.45 3.61
C ILE C 2 -22.86 1.54 4.68
N GLN C 3 -24.15 1.27 4.58
CA GLN C 3 -24.82 0.38 5.53
C GLN C 3 -24.36 -1.04 5.27
N MET C 4 -23.38 -1.50 6.04
CA MET C 4 -22.69 -2.75 5.75
C MET C 4 -23.53 -3.86 6.39
N THR C 5 -24.58 -4.24 5.67
CA THR C 5 -25.68 -5.02 6.23
C THR C 5 -25.25 -6.48 6.42
N GLN C 6 -24.86 -6.79 7.64
CA GLN C 6 -24.45 -8.13 8.03
C GLN C 6 -25.54 -8.79 8.86
N SER C 7 -25.72 -10.09 8.68
CA SER C 7 -26.73 -10.83 9.39
C SER C 7 -26.37 -12.31 9.33
N PRO C 8 -26.92 -13.14 10.22
CA PRO C 8 -27.82 -12.84 11.34
C PRO C 8 -27.11 -12.27 12.57
N SER C 9 -27.87 -11.62 13.44
CA SER C 9 -27.29 -11.03 14.64
C SER C 9 -26.72 -12.07 15.59
N SER C 10 -27.21 -13.30 15.52
CA SER C 10 -26.64 -14.36 16.34
C SER C 10 -26.92 -15.69 15.67
N LEU C 11 -26.09 -16.69 15.97
CA LEU C 11 -26.30 -18.01 15.40
C LEU C 11 -25.84 -19.07 16.37
N SER C 12 -26.63 -20.12 16.51
CA SER C 12 -26.21 -21.32 17.20
C SER C 12 -25.51 -22.22 16.20
N ALA C 13 -24.24 -22.51 16.45
CA ALA C 13 -23.45 -23.35 15.55
C ALA C 13 -22.74 -24.40 16.39
N SER C 14 -23.37 -25.58 16.50
CA SER C 14 -22.75 -26.68 17.20
C SER C 14 -21.42 -27.03 16.55
N VAL C 15 -20.55 -27.66 17.33
CA VAL C 15 -19.23 -28.04 16.84
C VAL C 15 -19.37 -28.82 15.54
N GLY C 16 -18.58 -28.44 14.53
CA GLY C 16 -18.65 -29.06 13.22
C GLY C 16 -19.56 -28.39 12.23
N ASP C 17 -20.34 -27.40 12.65
CA ASP C 17 -21.28 -26.74 11.77
C ASP C 17 -20.57 -25.82 10.77
N ARG C 18 -21.22 -25.63 9.63
CA ARG C 18 -20.70 -24.79 8.55
C ARG C 18 -21.13 -23.34 8.77
N VAL C 19 -20.45 -22.68 9.70
CA VAL C 19 -20.79 -21.30 10.03
C VAL C 19 -20.56 -20.42 8.81
N THR C 20 -21.58 -19.66 8.44
CA THR C 20 -21.53 -18.81 7.25
C THR C 20 -22.23 -17.49 7.52
N ILE C 21 -21.65 -16.41 7.02
CA ILE C 21 -22.09 -15.05 7.27
C ILE C 21 -22.33 -14.35 5.95
N THR C 22 -23.57 -13.96 5.68
CA THR C 22 -23.86 -13.06 4.57
C THR C 22 -23.59 -11.62 5.00
N CYS C 23 -23.37 -10.76 4.02
CA CYS C 23 -23.00 -9.37 4.33
C CYS C 23 -23.15 -8.55 3.05
N ARG C 24 -24.17 -7.71 3.00
CA ARG C 24 -24.48 -6.89 1.82
C ARG C 24 -24.26 -5.42 2.11
N ALA C 25 -23.41 -4.78 1.33
CA ALA C 25 -23.23 -3.35 1.44
C ALA C 25 -24.30 -2.60 0.65
N SER C 26 -24.60 -1.37 1.09
CA SER C 26 -25.53 -0.51 0.37
C SER C 26 -24.95 0.02 -0.92
N GLN C 27 -23.66 -0.21 -1.17
CA GLN C 27 -22.94 0.40 -2.27
C GLN C 27 -21.76 -0.51 -2.62
N SER C 28 -21.24 -0.33 -3.83
CA SER C 28 -20.12 -1.15 -4.30
C SER C 28 -18.83 -0.73 -3.60
N VAL C 29 -18.13 -1.70 -3.02
CA VAL C 29 -16.84 -1.49 -2.38
C VAL C 29 -15.74 -2.37 -2.99
N SER C 30 -15.97 -2.89 -4.19
CA SER C 30 -14.99 -3.70 -4.91
C SER C 30 -14.74 -4.96 -4.07
N SER C 31 -13.49 -5.26 -3.69
CA SER C 31 -13.16 -6.44 -2.90
C SER C 31 -12.54 -6.10 -1.55
N ALA C 32 -12.60 -4.84 -1.13
CA ALA C 32 -11.90 -4.37 0.07
C ALA C 32 -12.71 -4.66 1.32
N VAL C 33 -12.67 -5.93 1.74
CA VAL C 33 -13.42 -6.37 2.91
C VAL C 33 -12.54 -7.23 3.80
N ALA C 34 -12.66 -7.01 5.11
CA ALA C 34 -11.99 -7.78 6.15
C ALA C 34 -13.02 -8.45 7.03
N TRP C 35 -12.55 -9.33 7.90
CA TRP C 35 -13.39 -9.95 8.90
C TRP C 35 -12.60 -10.08 10.20
N TYR C 36 -13.30 -10.06 11.33
CA TYR C 36 -12.66 -10.10 12.64
C TYR C 36 -13.41 -11.03 13.59
N GLN C 37 -12.72 -11.40 14.67
CA GLN C 37 -13.28 -12.25 15.71
C GLN C 37 -12.99 -11.60 17.05
N GLN C 38 -14.04 -11.43 17.86
CA GLN C 38 -13.93 -10.83 19.18
C GLN C 38 -14.31 -11.82 20.27
N LYS C 39 -13.35 -12.15 21.10
CA LYS C 39 -13.65 -12.96 22.27
C LYS C 39 -14.14 -12.05 23.40
N PRO C 40 -15.13 -12.50 24.19
CA PRO C 40 -15.84 -11.59 25.09
C PRO C 40 -14.97 -10.60 25.86
N GLY C 41 -15.13 -9.33 25.52
CA GLY C 41 -14.57 -8.23 26.28
C GLY C 41 -13.16 -7.82 25.90
N LYS C 42 -12.45 -8.63 25.13
CA LYS C 42 -11.05 -8.36 24.83
C LYS C 42 -10.86 -8.12 23.34
N ALA C 43 -9.60 -8.01 22.95
CA ALA C 43 -9.15 -7.79 21.59
C ALA C 43 -9.98 -8.53 20.54
N PRO C 44 -10.50 -7.82 19.53
CA PRO C 44 -10.87 -8.50 18.28
C PRO C 44 -9.63 -8.99 17.54
N LYS C 45 -9.85 -9.83 16.53
CA LYS C 45 -8.74 -10.33 15.73
C LYS C 45 -9.17 -10.59 14.29
N LEU C 46 -8.31 -10.22 13.35
CA LEU C 46 -8.63 -10.36 11.93
C LEU C 46 -8.52 -11.81 11.48
N LEU C 47 -9.51 -12.26 10.73
CA LEU C 47 -9.50 -13.59 10.12
C LEU C 47 -9.19 -13.55 8.62
N ILE C 48 -9.85 -12.67 7.87
CA ILE C 48 -9.77 -12.67 6.42
C ILE C 48 -9.58 -11.24 5.93
N TYR C 49 -8.85 -11.09 4.83
CA TYR C 49 -8.57 -9.78 4.27
C TYR C 49 -8.57 -9.89 2.75
N SER C 50 -8.62 -8.72 2.09
CA SER C 50 -8.89 -8.65 0.66
C SER C 50 -10.14 -9.45 0.32
N ALA C 51 -11.00 -9.61 1.31
CA ALA C 51 -12.25 -10.35 1.22
C ALA C 51 -12.02 -11.81 0.90
N SER C 52 -10.78 -12.24 0.68
CA SER C 52 -10.50 -13.62 0.37
C SER C 52 -9.33 -14.18 1.18
N SER C 53 -8.30 -13.36 1.38
CA SER C 53 -7.04 -13.85 1.90
C SER C 53 -7.12 -14.09 3.40
N LEU C 54 -6.45 -15.15 3.85
CA LEU C 54 -6.38 -15.49 5.27
C LEU C 54 -5.11 -14.92 5.86
N TYR C 55 -5.24 -14.25 7.00
CA TYR C 55 -4.14 -13.52 7.61
C TYR C 55 -3.22 -14.47 8.40
N SER C 56 -1.98 -14.03 8.59
CA SER C 56 -0.96 -14.82 9.27
C SER C 56 -1.29 -14.93 10.75
N GLY C 57 -1.61 -16.14 11.20
CA GLY C 57 -2.06 -16.38 12.56
C GLY C 57 -3.48 -16.92 12.64
N VAL C 58 -4.10 -17.24 11.51
CA VAL C 58 -5.52 -17.57 11.43
C VAL C 58 -5.63 -19.02 10.97
N PRO C 59 -6.40 -19.87 11.67
CA PRO C 59 -6.52 -21.26 11.20
C PRO C 59 -7.15 -21.33 9.81
N SER C 60 -6.65 -22.27 9.01
CA SER C 60 -7.06 -22.34 7.61
C SER C 60 -8.54 -22.63 7.42
N ARG C 61 -9.23 -23.06 8.49
CA ARG C 61 -10.66 -23.32 8.38
C ARG C 61 -11.44 -22.05 8.04
N PHE C 62 -10.89 -20.89 8.38
CA PHE C 62 -11.51 -19.62 7.99
C PHE C 62 -11.30 -19.37 6.50
N SER C 63 -12.31 -18.80 5.85
CA SER C 63 -12.26 -18.62 4.40
C SER C 63 -13.05 -17.40 3.98
N GLY C 64 -12.41 -16.56 3.17
CA GLY C 64 -13.11 -15.47 2.53
C GLY C 64 -13.72 -15.89 1.21
N SER C 65 -14.82 -15.21 0.86
CA SER C 65 -15.54 -15.48 -0.37
C SER C 65 -16.13 -14.16 -0.86
N ARG C 66 -16.64 -14.17 -2.08
CA ARG C 66 -17.28 -12.97 -2.60
C ARG C 66 -18.13 -13.31 -3.82
N SER C 67 -19.22 -12.55 -3.98
CA SER C 67 -20.09 -12.66 -5.14
C SER C 67 -20.77 -11.31 -5.32
N GLY C 68 -20.35 -10.57 -6.34
CA GLY C 68 -20.82 -9.21 -6.51
C GLY C 68 -20.36 -8.33 -5.37
N THR C 69 -21.29 -7.63 -4.72
CA THR C 69 -21.02 -6.86 -3.52
C THR C 69 -21.69 -7.48 -2.30
N ASP C 70 -21.98 -8.78 -2.37
CA ASP C 70 -22.13 -9.62 -1.20
C ASP C 70 -20.77 -10.17 -0.79
N PHE C 71 -20.46 -10.11 0.50
CA PHE C 71 -19.25 -10.71 1.05
C PHE C 71 -19.65 -11.75 2.08
N THR C 72 -18.84 -12.78 2.24
CA THR C 72 -19.24 -13.89 3.10
C THR C 72 -18.01 -14.56 3.70
N LEU C 73 -17.78 -14.32 4.99
CA LEU C 73 -16.82 -15.10 5.74
C LEU C 73 -17.42 -16.45 6.09
N THR C 74 -16.59 -17.49 6.00
CA THR C 74 -17.05 -18.85 6.20
C THR C 74 -16.02 -19.63 6.99
N ILE C 75 -16.49 -20.49 7.88
CA ILE C 75 -15.66 -21.45 8.60
C ILE C 75 -16.02 -22.83 8.11
N SER C 76 -15.02 -23.56 7.59
CA SER C 76 -15.29 -24.88 7.03
C SER C 76 -15.91 -25.80 8.08
N SER C 77 -15.44 -25.73 9.32
CA SER C 77 -15.97 -26.54 10.40
C SER C 77 -15.68 -25.83 11.71
N LEU C 78 -16.73 -25.56 12.48
CA LEU C 78 -16.58 -24.75 13.69
C LEU C 78 -16.09 -25.64 14.84
N GLN C 79 -14.94 -25.28 15.40
CA GLN C 79 -14.36 -25.96 16.54
C GLN C 79 -14.87 -25.37 17.85
N PRO C 80 -14.66 -26.06 18.97
CA PRO C 80 -15.10 -25.49 20.25
C PRO C 80 -14.45 -24.15 20.59
N GLU C 81 -13.27 -23.86 20.04
CA GLU C 81 -12.56 -22.64 20.37
C GLU C 81 -13.04 -21.43 19.59
N ASP C 82 -13.91 -21.64 18.59
CA ASP C 82 -14.27 -20.58 17.65
C ASP C 82 -15.20 -19.53 18.24
N PHE C 83 -16.05 -19.90 19.20
CA PHE C 83 -17.20 -19.07 19.53
C PHE C 83 -16.77 -17.72 20.07
N ALA C 84 -17.33 -16.69 19.49
CA ALA C 84 -16.99 -15.30 19.75
C ALA C 84 -18.02 -14.48 18.97
N THR C 85 -17.77 -13.20 18.80
CA THR C 85 -18.58 -12.38 17.92
C THR C 85 -17.73 -11.97 16.73
N TYR C 86 -18.24 -12.22 15.53
CA TYR C 86 -17.51 -11.95 14.29
C TYR C 86 -18.11 -10.76 13.59
N TYR C 87 -17.28 -10.06 12.81
CA TYR C 87 -17.68 -8.84 12.14
C TYR C 87 -17.12 -8.76 10.72
N CYS C 88 -18.02 -8.73 9.74
CA CYS C 88 -17.73 -8.21 8.41
C CYS C 88 -17.16 -6.80 8.52
N GLN C 89 -16.42 -6.39 7.49
CA GLN C 89 -15.95 -5.00 7.44
C GLN C 89 -15.46 -4.69 6.05
N GLN C 90 -16.10 -3.73 5.40
CA GLN C 90 -15.60 -3.17 4.16
C GLN C 90 -14.59 -2.07 4.44
N TYR C 91 -13.49 -2.04 3.66
CA TYR C 91 -12.45 -1.04 3.85
C TYR C 91 -12.02 -0.32 2.56
N LYS C 92 -12.91 -0.17 1.57
CA LYS C 92 -12.66 0.77 0.48
C LYS C 92 -13.06 2.20 0.83
N TYR C 93 -14.20 2.39 1.49
CA TYR C 93 -14.74 3.72 1.73
C TYR C 93 -14.78 4.06 3.21
N VAL C 94 -14.72 5.37 3.47
CA VAL C 94 -14.87 5.94 4.81
C VAL C 94 -16.29 6.45 4.96
N PRO C 95 -17.01 6.09 6.04
CA PRO C 95 -16.65 5.22 7.16
C PRO C 95 -16.45 3.76 6.75
N VAL C 96 -15.78 3.03 7.64
CA VAL C 96 -15.17 1.75 7.30
C VAL C 96 -16.09 0.72 7.94
N THR C 97 -17.38 1.06 7.95
CA THR C 97 -18.39 0.43 8.81
C THR C 97 -18.21 -1.07 8.96
N PHE C 98 -18.09 -1.49 10.22
CA PHE C 98 -18.22 -2.90 10.56
C PHE C 98 -19.69 -3.29 10.49
N GLY C 99 -19.93 -4.55 10.24
CA GLY C 99 -21.27 -5.09 10.46
C GLY C 99 -21.60 -5.09 11.93
N GLN C 100 -22.90 -5.08 12.23
CA GLN C 100 -23.36 -5.06 13.61
C GLN C 100 -22.95 -6.30 14.39
N GLY C 101 -22.33 -7.28 13.74
CA GLY C 101 -21.75 -8.41 14.43
C GLY C 101 -22.68 -9.59 14.48
N THR C 102 -22.16 -10.77 14.18
CA THR C 102 -22.87 -12.02 14.38
C THR C 102 -22.20 -12.73 15.56
N LYS C 103 -22.94 -12.86 16.65
CA LYS C 103 -22.46 -13.60 17.80
C LYS C 103 -22.84 -15.07 17.64
N VAL C 104 -21.92 -15.96 17.99
CA VAL C 104 -22.14 -17.39 17.86
C VAL C 104 -22.07 -18.00 19.26
N GLU C 105 -22.98 -18.92 19.54
CA GLU C 105 -23.00 -19.66 20.80
C GLU C 105 -23.37 -21.10 20.52
N ILE C 106 -23.07 -21.97 21.48
CA ILE C 106 -23.26 -23.40 21.30
C ILE C 106 -24.73 -23.72 21.18
N TPO D 1 -12.55 3.44 -15.11
CA TPO D 1 -12.27 2.04 -15.40
CB TPO D 1 -10.80 1.73 -15.13
CG2 TPO D 1 -10.53 0.26 -15.44
OG1 TPO D 1 -9.96 2.53 -15.95
P TPO D 1 -9.47 3.82 -15.12
O1P TPO D 1 -10.73 4.63 -14.55
O2P TPO D 1 -8.65 4.80 -16.09
O3P TPO D 1 -8.60 3.40 -14.00
C TPO D 1 -13.17 1.14 -14.57
O TPO D 1 -13.61 1.53 -13.48
N VAL D 2 -13.47 -0.05 -15.07
CA VAL D 2 -14.36 -0.98 -14.38
C VAL D 2 -13.71 -2.34 -14.22
N SEP D 3 -14.41 -3.25 -13.54
CA SEP D 3 -13.82 -4.49 -13.07
CB SEP D 3 -13.61 -4.45 -11.56
OG SEP D 3 -13.18 -3.17 -11.11
C SEP D 3 -14.69 -5.66 -13.42
O SEP D 3 -15.80 -5.46 -13.92
P SEP D 3 -13.86 -2.82 -9.69
O1P SEP D 3 -15.35 -2.28 -9.94
O2P SEP D 3 -13.94 -4.14 -8.78
O3P SEP D 3 -13.01 -1.69 -8.92
N TPO D 4 -14.22 -6.88 -13.17
CA TPO D 4 -15.02 -8.07 -13.41
CB TPO D 4 -15.50 -8.14 -14.87
CG2 TPO D 4 -14.33 -8.14 -15.84
OG1 TPO D 4 -16.23 -9.35 -15.05
P TPO D 4 -17.42 -9.11 -16.11
O1P TPO D 4 -18.25 -7.94 -15.72
O2P TPO D 4 -18.34 -10.41 -16.17
O3P TPO D 4 -16.76 -8.83 -17.55
C TPO D 4 -14.23 -9.33 -13.10
O TPO D 4 -13.12 -9.26 -12.59
N SEP D 5 -14.81 -10.49 -13.42
CA SEP D 5 -14.25 -11.76 -12.99
CB SEP D 5 -15.36 -12.63 -12.39
OG SEP D 5 -16.54 -12.55 -13.17
C SEP D 5 -13.56 -12.54 -14.12
O SEP D 5 -13.53 -12.11 -15.26
P SEP D 5 -17.17 -14.01 -13.43
O1P SEP D 5 -18.72 -13.84 -13.86
O2P SEP D 5 -16.37 -14.75 -14.60
O3P SEP D 5 -17.09 -14.88 -12.08
N LEU D 6 -13.00 -13.68 -13.75
CA LEU D 6 -12.33 -14.58 -14.67
C LEU D 6 -13.14 -15.87 -14.79
N GLY D 7 -13.40 -16.29 -16.03
CA GLY D 7 -14.16 -17.50 -16.27
C GLY D 7 -15.55 -17.44 -15.67
#